data_4R9P
#
_entry.id   4R9P
#
_cell.length_a   36.84
_cell.length_b   45.67
_cell.length_c   54.19
_cell.angle_alpha   90.00
_cell.angle_beta   93.31
_cell.angle_gamma   90.00
#
_symmetry.space_group_name_H-M   'P 1 21 1'
#
loop_
_entity.id
_entity.type
_entity.pdbx_description
1 polymer RE28239p
2 water water
#
_entity_poly.entity_id   1
_entity_poly.type   'polypeptide(L)'
_entity_poly.pdbx_seq_one_letter_code
;GAMVSRRKILSRSRDDLNLDQTFTQQEEEEDIWFQKDKLYKEHIQEVLDKWTQIDDEIWAKVIVFERNRRVAKAYARAPV
LTINGSDDGFDGMRIGLCGFDNPMRDQKTDEMKRVIGQGVKIKMDDAGNILIRRYAKSNVYVKSTASSPNEETSIGAEIL
KLPNQALESEKIVKLFDMKKFQSNVNRELRRAYPDRRRLETQCLSAVAFVKSENDILECPIWVLIVNVVAMDMLKSKLPP
VQ
;
_entity_poly.pdbx_strand_id   A
#
# COMPACT_ATOMS: atom_id res chain seq x y z
N GLU A 29 2.98 -5.12 21.13
CA GLU A 29 3.45 -3.84 21.65
C GLU A 29 3.88 -2.90 20.52
N GLU A 30 4.95 -3.24 19.81
CA GLU A 30 5.51 -2.34 18.81
C GLU A 30 5.02 -2.58 17.39
N ASP A 31 4.25 -3.63 17.21
CA ASP A 31 3.82 -4.02 15.87
C ASP A 31 2.31 -4.02 15.77
N ILE A 32 1.67 -3.18 16.56
CA ILE A 32 0.23 -3.07 16.53
C ILE A 32 -0.18 -1.62 16.68
N TRP A 33 -1.27 -1.25 16.04
CA TRP A 33 -1.78 0.12 16.10
C TRP A 33 -3.28 0.11 16.35
N PHE A 34 -3.75 1.17 16.99
CA PHE A 34 -5.17 1.31 17.26
C PHE A 34 -5.80 2.46 16.50
N GLN A 35 -4.97 3.30 15.91
CA GLN A 35 -5.45 4.33 15.01
C GLN A 35 -4.63 4.35 13.74
N LYS A 36 -5.33 4.44 12.62
CA LYS A 36 -4.72 4.29 11.31
C LYS A 36 -3.71 5.39 11.02
N ASP A 37 -4.00 6.59 11.49
CA ASP A 37 -3.13 7.74 11.26
C ASP A 37 -1.76 7.50 11.87
N LYS A 38 -1.73 6.90 13.04
CA LYS A 38 -0.48 6.57 13.69
C LYS A 38 0.26 5.48 12.92
N LEU A 39 -0.47 4.50 12.40
CA LEU A 39 0.13 3.43 11.62
C LEU A 39 0.86 4.02 10.39
N TYR A 40 0.11 4.82 9.64
CA TYR A 40 0.63 5.46 8.44
C TYR A 40 1.84 6.30 8.75
N LYS A 41 1.67 7.19 9.71
CA LYS A 41 2.73 8.09 10.09
C LYS A 41 3.97 7.30 10.47
N GLU A 42 3.80 6.25 11.25
CA GLU A 42 4.95 5.52 11.76
C GLU A 42 5.70 4.88 10.62
N HIS A 43 4.99 4.33 9.66
CA HIS A 43 5.67 3.66 8.55
C HIS A 43 6.42 4.65 7.65
N ILE A 44 5.80 5.80 7.44
CA ILE A 44 6.47 6.85 6.70
C ILE A 44 7.75 7.25 7.41
N GLN A 45 7.66 7.43 8.73
CA GLN A 45 8.80 7.88 9.49
CA GLN A 45 8.74 7.90 9.57
C GLN A 45 9.90 6.85 9.50
N GLU A 46 9.50 5.58 9.50
CA GLU A 46 10.47 4.50 9.50
C GLU A 46 11.30 4.63 8.25
N VAL A 47 10.63 4.86 7.14
CA VAL A 47 11.35 5.02 5.88
C VAL A 47 12.22 6.29 5.86
N LEU A 48 11.71 7.40 6.35
CA LEU A 48 12.47 8.64 6.35
C LEU A 48 13.70 8.56 7.24
N ASP A 49 13.56 7.86 8.35
CA ASP A 49 14.63 7.71 9.32
C ASP A 49 15.81 6.92 8.77
N LYS A 50 15.53 6.02 7.84
CA LYS A 50 16.53 5.13 7.27
C LYS A 50 16.83 5.49 5.81
N TRP A 51 16.39 6.67 5.40
CA TRP A 51 16.34 7.05 3.99
C TRP A 51 17.62 6.74 3.19
N THR A 52 18.76 7.23 3.66
CA THR A 52 19.99 7.11 2.89
C THR A 52 20.59 5.71 2.95
N GLN A 53 20.10 4.88 3.88
CA GLN A 53 20.59 3.52 4.02
CA GLN A 53 20.59 3.52 4.02
C GLN A 53 19.78 2.54 3.17
N ILE A 54 18.65 3.00 2.65
CA ILE A 54 17.84 2.18 1.76
C ILE A 54 18.45 2.16 0.36
N ASP A 55 18.62 0.96 -0.19
CA ASP A 55 19.27 0.83 -1.48
C ASP A 55 18.45 1.58 -2.51
N ASP A 56 19.14 2.30 -3.38
CA ASP A 56 18.49 3.25 -4.25
C ASP A 56 17.63 2.59 -5.33
N GLU A 57 17.80 1.31 -5.53
CA GLU A 57 16.95 0.61 -6.48
C GLU A 57 15.67 0.07 -5.86
N ILE A 58 15.48 0.32 -4.57
CA ILE A 58 14.24 -0.08 -3.93
C ILE A 58 13.20 0.99 -4.22
N TRP A 59 12.09 0.59 -4.82
CA TRP A 59 11.05 1.54 -5.19
C TRP A 59 9.84 1.46 -4.26
N ALA A 60 9.75 0.39 -3.49
CA ALA A 60 8.65 0.25 -2.54
C ALA A 60 9.00 -0.61 -1.34
N LYS A 61 8.45 -0.22 -0.20
CA LYS A 61 8.45 -1.05 0.99
C LYS A 61 7.03 -1.59 1.15
N VAL A 62 6.90 -2.91 1.26
CA VAL A 62 5.62 -3.56 1.42
C VAL A 62 5.52 -4.14 2.81
N ILE A 63 4.48 -3.75 3.54
CA ILE A 63 4.27 -4.20 4.90
C ILE A 63 2.97 -4.99 4.94
N VAL A 64 3.06 -6.20 5.49
CA VAL A 64 1.91 -7.10 5.56
C VAL A 64 1.25 -6.97 6.92
N PHE A 65 -0.08 -6.82 6.91
CA PHE A 65 -0.87 -6.70 8.14
C PHE A 65 -1.96 -7.76 8.21
N GLU A 66 -2.24 -8.19 9.43
CA GLU A 66 -3.41 -8.98 9.72
C GLU A 66 -4.18 -8.24 10.80
N ARG A 67 -5.32 -7.70 10.42
CA ARG A 67 -6.03 -6.77 11.27
C ARG A 67 -5.11 -5.57 11.52
N ASN A 68 -4.83 -5.29 12.78
CA ASN A 68 -4.08 -4.13 13.16
C ASN A 68 -2.66 -4.41 13.59
N ARG A 69 -2.26 -5.63 13.38
CA ARG A 69 -0.88 -6.16 13.50
CA ARG A 69 -0.85 -6.08 13.61
C ARG A 69 0.07 -6.45 12.33
N ARG A 70 1.25 -5.88 12.34
CA ARG A 70 2.19 -6.07 11.27
C ARG A 70 2.85 -7.42 11.40
N VAL A 71 2.87 -8.19 10.32
CA VAL A 71 3.44 -9.52 10.36
C VAL A 71 4.66 -9.75 9.49
N ALA A 72 4.94 -8.81 8.60
CA ALA A 72 6.09 -8.95 7.72
C ALA A 72 6.41 -7.64 6.99
N LYS A 73 7.67 -7.51 6.59
CA LYS A 73 8.13 -6.40 5.78
C LYS A 73 8.90 -6.95 4.58
N ALA A 74 8.79 -6.26 3.45
CA ALA A 74 9.53 -6.62 2.26
C ALA A 74 9.89 -5.36 1.49
N TYR A 75 11.04 -5.39 0.82
CA TYR A 75 11.48 -4.28 0.02
C TYR A 75 11.52 -4.73 -1.43
N ALA A 76 10.91 -3.95 -2.31
CA ALA A 76 10.79 -4.33 -3.70
C ALA A 76 11.80 -3.58 -4.57
N ARG A 77 12.63 -4.34 -5.26
CA ARG A 77 13.55 -3.80 -6.25
C ARG A 77 13.08 -4.14 -7.64
N ALA A 78 12.70 -5.38 -7.83
CA ALA A 78 12.23 -5.83 -9.12
C ALA A 78 11.00 -5.04 -9.47
N PRO A 79 10.90 -4.69 -10.80
CA PRO A 79 9.73 -3.87 -11.15
C PRO A 79 8.38 -4.53 -10.93
N VAL A 80 8.27 -5.82 -11.17
CA VAL A 80 7.02 -6.55 -10.97
C VAL A 80 7.08 -7.39 -9.70
N LEU A 81 6.12 -7.18 -8.82
CA LEU A 81 6.01 -7.91 -7.58
C LEU A 81 4.67 -8.64 -7.52
N THR A 82 4.74 -9.93 -7.19
CA THR A 82 3.57 -10.76 -7.08
C THR A 82 3.25 -10.88 -5.61
N ILE A 83 1.99 -10.70 -5.25
CA ILE A 83 1.54 -10.91 -3.90
C ILE A 83 0.41 -11.91 -3.92
N ASN A 84 0.59 -13.02 -3.25
CA ASN A 84 -0.33 -14.13 -3.35
C ASN A 84 -0.38 -14.96 -2.09
N GLY A 85 -1.08 -16.07 -2.15
CA GLY A 85 -1.40 -16.88 -1.01
C GLY A 85 -0.39 -17.97 -0.74
N SER A 86 0.74 -17.92 -1.42
CA SER A 86 1.80 -18.90 -1.23
C SER A 86 2.34 -18.82 0.19
N ASP A 87 2.88 -19.93 0.68
CA ASP A 87 3.43 -19.98 2.03
C ASP A 87 4.93 -19.81 2.06
N ASP A 88 5.51 -19.36 0.96
CA ASP A 88 6.95 -19.26 0.80
C ASP A 88 7.54 -17.96 1.36
N GLY A 89 6.67 -17.03 1.75
CA GLY A 89 7.12 -15.74 2.24
C GLY A 89 7.64 -14.88 1.10
N PHE A 90 8.79 -14.25 1.29
CA PHE A 90 9.37 -13.37 0.27
C PHE A 90 10.62 -13.97 -0.35
N ASP A 91 10.68 -13.97 -1.68
CA ASP A 91 11.83 -14.52 -2.41
C ASP A 91 12.49 -13.48 -3.32
N GLY A 92 12.05 -12.22 -3.21
CA GLY A 92 12.61 -11.15 -4.01
C GLY A 92 11.65 -10.63 -5.07
N MET A 93 10.83 -11.52 -5.61
CA MET A 93 9.89 -11.16 -6.67
C MET A 93 8.45 -11.52 -6.31
N ARG A 94 8.28 -12.35 -5.28
CA ARG A 94 6.96 -12.82 -4.88
C ARG A 94 6.82 -12.82 -3.37
N ILE A 95 5.74 -12.20 -2.88
CA ILE A 95 5.39 -12.26 -1.46
C ILE A 95 4.28 -13.27 -1.28
N GLY A 96 4.58 -14.35 -0.57
CA GLY A 96 3.59 -15.36 -0.23
C GLY A 96 3.05 -15.02 1.15
N LEU A 97 1.81 -14.54 1.18
CA LEU A 97 1.24 -13.98 2.40
C LEU A 97 1.03 -15.01 3.51
N CYS A 98 0.98 -16.29 3.15
CA CYS A 98 0.76 -17.35 4.15
C CYS A 98 2.08 -17.88 4.71
N GLY A 99 3.18 -17.28 4.32
CA GLY A 99 4.50 -17.70 4.81
C GLY A 99 4.94 -16.93 6.05
N PHE A 100 4.02 -16.21 6.67
CA PHE A 100 4.31 -15.39 7.84
C PHE A 100 3.54 -15.80 9.10
N ASP A 101 4.26 -15.86 10.21
CA ASP A 101 3.70 -16.14 11.53
C ASP A 101 2.88 -14.99 12.10
N ASN A 102 1.78 -15.32 12.76
CA ASN A 102 1.06 -14.39 13.62
C ASN A 102 0.50 -15.12 14.82
N PRO A 103 1.14 -14.85 16.02
CA PRO A 103 0.64 -15.63 17.17
C PRO A 103 -0.74 -15.21 17.64
N MET A 104 -1.16 -14.03 17.24
CA MET A 104 -2.46 -13.49 17.62
C MET A 104 -3.51 -13.60 16.52
N ARG A 105 -3.24 -14.39 15.51
CA ARG A 105 -4.18 -14.55 14.39
C ARG A 105 -5.50 -15.10 14.87
N ASP A 106 -6.61 -14.46 14.48
CA ASP A 106 -7.93 -14.94 14.84
C ASP A 106 -8.45 -15.92 13.80
N GLN A 107 -9.51 -16.64 14.15
CA GLN A 107 -10.06 -17.69 13.29
C GLN A 107 -10.45 -17.17 11.90
N LYS A 108 -11.10 -16.01 11.87
CA LYS A 108 -11.58 -15.45 10.62
C LYS A 108 -10.42 -15.14 9.68
N THR A 109 -9.35 -14.58 10.21
CA THR A 109 -8.17 -14.25 9.41
C THR A 109 -7.59 -15.52 8.79
N ASP A 110 -7.50 -16.56 9.61
CA ASP A 110 -6.99 -17.86 9.14
C ASP A 110 -7.81 -18.37 7.97
N GLU A 111 -9.13 -18.24 8.08
CA GLU A 111 -10.04 -18.68 7.04
C GLU A 111 -9.90 -17.87 5.75
N MET A 112 -9.79 -16.56 5.87
CA MET A 112 -9.66 -15.68 4.71
C MET A 112 -8.36 -15.91 3.94
N LYS A 113 -7.27 -16.14 4.66
CA LYS A 113 -5.97 -16.28 4.01
C LYS A 113 -5.92 -17.51 3.11
N ARG A 114 -6.75 -18.49 3.41
CA ARG A 114 -6.79 -19.73 2.64
C ARG A 114 -7.24 -19.54 1.19
N VAL A 115 -7.94 -18.44 0.91
CA VAL A 115 -8.47 -18.19 -0.41
C VAL A 115 -7.88 -16.95 -1.11
N ILE A 116 -6.73 -16.49 -0.66
CA ILE A 116 -6.06 -15.39 -1.34
C ILE A 116 -5.73 -15.82 -2.75
N GLY A 117 -5.33 -17.07 -2.91
CA GLY A 117 -5.08 -17.63 -4.23
C GLY A 117 -3.99 -16.90 -4.99
N GLN A 118 -4.26 -16.57 -6.25
CA GLN A 118 -3.26 -15.97 -7.12
C GLN A 118 -3.00 -14.50 -6.79
N GLY A 119 -3.83 -13.93 -5.93
CA GLY A 119 -3.65 -12.57 -5.45
C GLY A 119 -3.55 -11.52 -6.55
N VAL A 120 -2.50 -10.70 -6.48
CA VAL A 120 -2.25 -9.67 -7.47
C VAL A 120 -0.80 -9.64 -7.93
N LYS A 121 -0.58 -8.94 -9.05
CA LYS A 121 0.76 -8.49 -9.41
C LYS A 121 0.73 -6.97 -9.43
N ILE A 122 1.79 -6.36 -8.92
CA ILE A 122 1.94 -4.92 -9.02
C ILE A 122 3.22 -4.62 -9.77
N LYS A 123 3.24 -3.48 -10.45
CA LYS A 123 4.41 -3.07 -11.22
C LYS A 123 4.56 -1.56 -11.19
N MET A 124 5.79 -1.10 -11.03
CA MET A 124 6.08 0.31 -11.23
C MET A 124 6.61 0.53 -12.64
N ASP A 125 5.99 1.46 -13.36
CA ASP A 125 6.42 1.76 -14.73
C ASP A 125 7.46 2.88 -14.74
N ASP A 126 7.85 3.31 -15.93
CA ASP A 126 8.88 4.33 -16.09
CA ASP A 126 8.88 4.33 -16.09
C ASP A 126 8.43 5.69 -15.56
N ALA A 127 7.12 5.91 -15.53
CA ALA A 127 6.57 7.19 -15.07
C ALA A 127 6.47 7.27 -13.55
N GLY A 128 6.68 6.14 -12.88
CA GLY A 128 6.52 6.07 -11.45
C GLY A 128 5.11 5.69 -11.01
N ASN A 129 4.26 5.34 -11.96
CA ASN A 129 2.98 4.80 -11.60
C ASN A 129 3.15 3.42 -11.01
N ILE A 130 2.25 3.04 -10.11
CA ILE A 130 2.17 1.67 -9.71
C ILE A 130 0.89 1.09 -10.29
N LEU A 131 1.06 0.08 -11.13
CA LEU A 131 -0.06 -0.63 -11.74
C LEU A 131 -0.37 -1.86 -10.90
N ILE A 132 -1.62 -2.27 -10.88
CA ILE A 132 -2.05 -3.48 -10.23
C ILE A 132 -3.01 -4.27 -11.13
N ARG A 133 -2.91 -5.58 -11.02
CA ARG A 133 -3.78 -6.52 -11.67
C ARG A 133 -4.20 -7.66 -10.74
N ARG A 134 -5.51 -7.90 -10.69
CA ARG A 134 -6.06 -8.95 -9.89
C ARG A 134 -6.06 -10.25 -10.65
N TYR A 135 -5.43 -11.25 -10.09
CA TYR A 135 -5.45 -12.62 -10.63
C TYR A 135 -6.33 -13.54 -9.78
N ALA A 136 -6.52 -13.17 -8.52
CA ALA A 136 -7.25 -14.01 -7.57
C ALA A 136 -8.70 -14.24 -7.99
N LYS A 137 -9.22 -15.42 -7.69
CA LYS A 137 -10.64 -15.71 -7.86
C LYS A 137 -11.41 -14.92 -6.81
N SER A 138 -10.83 -14.81 -5.63
CA SER A 138 -11.36 -13.98 -4.57
C SER A 138 -11.16 -12.52 -4.88
N ASN A 139 -11.93 -11.67 -4.22
CA ASN A 139 -11.86 -10.24 -4.41
C ASN A 139 -10.60 -9.63 -3.84
N VAL A 140 -10.19 -8.53 -4.44
CA VAL A 140 -9.13 -7.69 -3.92
C VAL A 140 -9.59 -6.24 -3.89
N TYR A 141 -9.39 -5.57 -2.77
CA TYR A 141 -9.89 -4.21 -2.57
C TYR A 141 -8.78 -3.20 -2.40
N VAL A 142 -8.94 -2.05 -3.04
CA VAL A 142 -8.05 -0.92 -2.82
C VAL A 142 -8.67 0.00 -1.78
N LYS A 143 -7.89 0.34 -0.76
CA LYS A 143 -8.35 1.19 0.33
C LYS A 143 -7.63 2.53 0.31
N SER A 144 -8.36 3.59 0.65
CA SER A 144 -7.76 4.92 0.74
C SER A 144 -6.92 5.05 2.00
N THR A 145 -5.78 5.71 1.88
CA THR A 145 -4.89 5.91 3.02
C THR A 145 -5.00 7.29 3.64
N ALA A 146 -6.01 8.05 3.27
CA ALA A 146 -6.12 9.42 3.76
C ALA A 146 -6.28 9.49 5.28
N SER A 147 -5.48 10.36 5.90
CA SER A 147 -5.60 10.71 7.32
C SER A 147 -6.83 11.52 7.66
N SER A 148 -7.17 12.46 6.79
CA SER A 148 -8.29 13.33 7.03
C SER A 148 -9.24 13.18 5.87
N PRO A 149 -10.56 13.39 6.18
CA PRO A 149 -11.51 13.13 5.07
C PRO A 149 -11.40 14.06 3.87
N ASN A 150 -10.76 15.21 4.01
CA ASN A 150 -10.72 16.16 2.92
C ASN A 150 -9.43 16.12 2.09
N GLU A 151 -8.62 15.12 2.36
CA GLU A 151 -7.37 14.93 1.63
C GLU A 151 -7.58 14.52 0.19
N GLU A 152 -6.71 15.03 -0.67
CA GLU A 152 -6.72 14.59 -2.39
CA GLU A 152 -6.64 14.65 -2.31
C GLU A 152 -6.16 12.92 -2.27
N THR A 153 -6.30 12.17 -3.34
CA THR A 153 -5.78 10.84 -3.41
C THR A 153 -4.95 10.71 -4.66
N SER A 154 -3.95 9.86 -4.59
CA SER A 154 -3.21 9.41 -5.79
CA SER A 154 -3.01 9.32 -5.86
C SER A 154 -3.62 8.00 -6.52
N ILE A 155 -4.72 7.52 -5.99
CA ILE A 155 -5.39 6.40 -6.59
C ILE A 155 -5.93 6.78 -7.96
N GLY A 156 -5.71 5.91 -8.92
CA GLY A 156 -6.15 6.15 -10.28
C GLY A 156 -7.65 6.24 -10.43
N ALA A 157 -8.10 6.98 -11.43
CA ALA A 157 -9.52 7.20 -11.65
C ALA A 157 -10.28 5.89 -11.91
N GLU A 158 -9.63 4.96 -12.59
CA GLU A 158 -10.27 3.69 -12.93
C GLU A 158 -10.64 2.88 -11.70
N ILE A 159 -9.85 3.00 -10.63
CA ILE A 159 -10.14 2.30 -9.38
C ILE A 159 -11.23 3.04 -8.60
N LEU A 160 -11.16 4.36 -8.62
CA LEU A 160 -12.11 5.19 -7.88
C LEU A 160 -13.54 5.00 -8.42
N LYS A 161 -13.64 4.59 -9.65
CA LYS A 161 -14.92 4.33 -10.26
C LYS A 161 -15.52 2.96 -9.97
N LEU A 162 -14.78 2.11 -9.30
CA LEU A 162 -15.25 0.78 -9.04
C LEU A 162 -16.08 0.70 -7.78
N PRO A 163 -17.22 0.03 -7.88
CA PRO A 163 -17.90 -0.14 -6.48
CA PRO A 163 -17.86 -0.04 -6.54
C PRO A 163 -17.06 -0.85 -5.32
N ASN A 164 -16.89 -0.11 -4.27
CA ASN A 164 -16.15 -0.52 -3.11
C ASN A 164 -14.68 -0.69 -3.46
N GLN A 165 -14.28 -0.10 -4.56
CA GLN A 165 -12.91 -0.14 -5.00
C GLN A 165 -12.42 -1.58 -5.08
N ALA A 166 -13.29 -2.44 -5.54
CA ALA A 166 -12.96 -3.83 -5.73
C ALA A 166 -12.48 -4.07 -7.14
N LEU A 167 -11.27 -4.60 -7.26
CA LEU A 167 -10.63 -4.76 -8.54
C LEU A 167 -11.37 -5.76 -9.42
N GLU A 168 -11.45 -5.46 -10.71
CA GLU A 168 -12.01 -6.37 -11.68
C GLU A 168 -10.97 -7.42 -12.06
N SER A 169 -11.45 -8.62 -12.40
CA SER A 169 -10.56 -9.72 -12.74
C SER A 169 -9.66 -9.41 -13.93
N GLU A 170 -8.35 -9.53 -13.70
CA GLU A 170 -7.34 -9.49 -14.76
C GLU A 170 -7.32 -8.22 -15.60
N LYS A 171 -7.84 -7.13 -15.05
CA LYS A 171 -7.73 -5.82 -15.69
C LYS A 171 -6.64 -5.01 -15.00
N ILE A 172 -5.76 -4.40 -15.79
CA ILE A 172 -4.68 -3.59 -15.24
C ILE A 172 -5.16 -2.16 -14.98
N VAL A 173 -4.91 -1.68 -13.77
CA VAL A 173 -5.30 -0.32 -13.38
C VAL A 173 -4.21 0.35 -12.56
N LYS A 174 -4.30 1.67 -12.42
CA LYS A 174 -3.29 2.45 -11.70
C LYS A 174 -3.61 2.56 -10.21
N LEU A 175 -2.92 1.75 -9.40
CA LEU A 175 -3.03 1.84 -7.95
C LEU A 175 -2.50 3.19 -7.47
N PHE A 176 -1.36 3.57 -8.03
CA PHE A 176 -0.75 4.86 -7.76
C PHE A 176 -0.54 5.58 -9.09
N ASP A 177 -1.14 6.77 -9.20
CA ASP A 177 -1.05 7.59 -10.40
C ASP A 177 -0.09 8.75 -10.16
N MET A 178 1.09 8.70 -10.78
CA MET A 178 2.12 9.70 -10.51
C MET A 178 1.73 11.08 -11.04
N LYS A 179 0.95 11.13 -12.11
CA LYS A 179 0.49 12.41 -12.64
C LYS A 179 -0.43 13.08 -11.63
N LYS A 180 -1.35 12.30 -11.06
CA LYS A 180 -2.24 12.83 -10.03
C LYS A 180 -1.44 13.31 -8.82
N PHE A 181 -0.48 12.52 -8.39
CA PHE A 181 0.35 12.86 -7.24
C PHE A 181 1.08 14.18 -7.46
N GLN A 182 1.70 14.31 -8.61
CA GLN A 182 2.43 15.51 -8.92
C GLN A 182 1.52 16.72 -8.93
N SER A 183 0.34 16.57 -9.49
CA SER A 183 -0.63 17.65 -9.53
C SER A 183 -1.10 18.04 -8.14
N ASN A 184 -1.31 17.04 -7.30
CA ASN A 184 -1.71 17.27 -5.94
C ASN A 184 -0.63 18.02 -5.17
N VAL A 185 0.61 17.65 -5.40
CA VAL A 185 1.72 18.33 -4.76
C VAL A 185 1.79 19.79 -5.19
N ASN A 186 1.61 20.05 -6.47
CA ASN A 186 1.64 21.41 -6.97
C ASN A 186 0.51 22.23 -6.42
N ARG A 187 -0.67 21.65 -6.33
CA ARG A 187 -1.79 22.34 -5.73
C ARG A 187 -1.54 22.63 -4.27
N GLU A 188 -0.99 21.67 -3.56
CA GLU A 188 -0.77 21.80 -2.12
C GLU A 188 0.13 22.98 -1.76
N LEU A 189 1.27 23.09 -2.44
CA LEU A 189 2.25 24.11 -2.07
C LEU A 189 1.81 25.50 -2.52
N ARG A 190 0.68 25.58 -3.22
CA ARG A 190 0.08 26.87 -3.58
C ARG A 190 -1.06 27.24 -2.64
N ARG A 191 -1.38 26.36 -1.70
CA ARG A 191 -2.45 26.62 -0.74
C ARG A 191 -1.97 27.56 0.37
N ALA A 192 -2.93 28.20 1.04
CA ALA A 192 -2.62 29.16 2.09
C ALA A 192 -1.90 28.50 3.27
N TYR A 193 -2.31 27.26 3.58
CA TYR A 193 -1.70 26.49 4.65
C TYR A 193 -1.25 25.13 4.12
N PRO A 194 -0.08 25.10 3.44
CA PRO A 194 0.44 23.84 2.89
C PRO A 194 0.88 22.89 3.99
N ASP A 195 0.54 21.62 3.85
CA ASP A 195 0.94 20.61 4.82
C ASP A 195 1.47 19.39 4.09
N ARG A 196 2.75 19.09 4.28
CA ARG A 196 3.38 17.98 3.58
C ARG A 196 2.80 16.64 4.02
N ARG A 197 2.17 16.62 5.18
CA ARG A 197 1.61 15.39 5.73
C ARG A 197 0.50 14.83 4.89
N ARG A 198 -0.35 15.70 4.37
CA ARG A 198 -1.42 15.28 3.48
C ARG A 198 -0.83 14.68 2.20
N LEU A 199 0.28 15.24 1.76
CA LEU A 199 1.04 14.66 0.67
C LEU A 199 1.68 13.30 0.99
N GLU A 200 2.24 13.18 2.19
CA GLU A 200 2.97 11.98 2.58
C GLU A 200 2.07 10.74 2.56
N THR A 201 0.82 10.90 2.96
CA THR A 201 -0.11 9.76 3.01
C THR A 201 -0.40 9.23 1.62
N GLN A 202 -0.34 10.11 0.62
CA GLN A 202 -0.56 9.72 -0.77
C GLN A 202 0.57 8.85 -1.31
N CYS A 203 1.70 8.86 -0.62
CA CYS A 203 2.81 7.99 -0.96
C CYS A 203 2.50 6.56 -0.54
N LEU A 204 1.41 6.38 0.19
CA LEU A 204 1.00 5.07 0.67
C LEU A 204 -0.18 4.54 -0.15
N SER A 205 -0.15 3.24 -0.42
CA SER A 205 -1.27 2.54 -1.04
C SER A 205 -1.61 1.36 -0.14
N ALA A 206 -2.89 1.03 -0.08
CA ALA A 206 -3.35 -0.07 0.76
C ALA A 206 -4.24 -1.00 -0.05
N VAL A 207 -3.95 -2.30 0.05
CA VAL A 207 -4.67 -3.32 -0.68
C VAL A 207 -5.10 -4.42 0.29
N ALA A 208 -6.41 -4.68 0.32
CA ALA A 208 -6.96 -5.70 1.19
C ALA A 208 -7.42 -6.89 0.37
N PHE A 209 -6.98 -8.08 0.77
CA PHE A 209 -7.28 -9.30 0.04
C PHE A 209 -8.49 -10.02 0.62
N VAL A 210 -9.31 -10.57 -0.27
CA VAL A 210 -10.42 -11.48 0.07
C VAL A 210 -11.61 -10.76 0.71
N LYS A 211 -11.36 -10.02 1.78
CA LYS A 211 -12.43 -9.44 2.58
C LYS A 211 -12.19 -7.98 2.87
N SER A 212 -13.18 -7.16 2.57
CA SER A 212 -13.13 -5.77 2.88
C SER A 212 -13.86 -5.48 4.19
N GLU A 213 -13.32 -4.56 4.95
CA GLU A 213 -14.03 -3.99 6.08
C GLU A 213 -13.95 -2.50 5.92
N ASN A 214 -14.88 -1.80 6.55
CA ASN A 214 -14.96 -0.35 6.44
C ASN A 214 -13.68 0.27 6.96
N ASP A 215 -13.16 -0.31 8.02
CA ASP A 215 -11.97 0.16 8.69
C ASP A 215 -10.78 -0.71 8.31
N ILE A 216 -9.70 -0.09 7.84
CA ILE A 216 -8.53 -0.82 7.37
C ILE A 216 -7.96 -1.72 8.47
N LEU A 217 -7.97 -1.22 9.70
CA LEU A 217 -7.40 -1.95 10.83
C LEU A 217 -8.18 -3.22 11.16
N GLU A 218 -9.36 -3.37 10.56
CA GLU A 218 -10.19 -4.54 10.78
C GLU A 218 -10.09 -5.54 9.62
N CYS A 219 -9.39 -5.17 8.55
CA CYS A 219 -9.24 -6.09 7.42
C CYS A 219 -8.38 -7.30 7.82
N PRO A 220 -8.86 -8.53 7.54
CA PRO A 220 -8.14 -9.74 7.96
CA PRO A 220 -8.14 -9.74 7.96
C PRO A 220 -6.72 -9.87 7.39
N ILE A 221 -6.52 -9.44 6.14
CA ILE A 221 -5.21 -9.56 5.51
C ILE A 221 -5.03 -8.51 4.42
N TRP A 222 -4.06 -7.63 4.64
CA TRP A 222 -3.87 -6.51 3.73
C TRP A 222 -2.41 -6.08 3.74
N VAL A 223 -2.03 -5.28 2.75
CA VAL A 223 -0.68 -4.78 2.65
C VAL A 223 -0.68 -3.26 2.51
N LEU A 224 0.37 -2.66 3.08
CA LEU A 224 0.65 -1.25 2.90
C LEU A 224 1.84 -1.15 1.99
N ILE A 225 1.71 -0.35 0.94
CA ILE A 225 2.80 -0.12 0.02
C ILE A 225 3.24 1.32 0.13
N VAL A 226 4.51 1.50 0.45
CA VAL A 226 5.09 2.81 0.56
C VAL A 226 5.83 3.05 -0.73
N ASN A 227 5.46 4.09 -1.45
CA ASN A 227 6.08 4.37 -2.71
C ASN A 227 7.26 5.27 -2.43
N VAL A 228 8.43 4.65 -2.47
CA VAL A 228 9.68 5.32 -2.19
C VAL A 228 10.00 6.38 -3.25
N VAL A 229 9.65 6.09 -4.48
CA VAL A 229 9.85 7.04 -5.57
C VAL A 229 9.05 8.31 -5.35
N ALA A 230 7.79 8.16 -4.92
CA ALA A 230 6.94 9.29 -4.61
C ALA A 230 7.49 10.10 -3.44
N MET A 231 7.98 9.41 -2.41
CA MET A 231 8.55 10.07 -1.25
C MET A 231 9.79 10.88 -1.65
N ASP A 232 10.58 10.30 -2.54
CA ASP A 232 11.79 10.95 -3.01
C ASP A 232 11.45 12.22 -3.75
N MET A 233 10.39 12.15 -4.54
CA MET A 233 10.04 13.54 -5.05
CA MET A 233 10.04 13.54 -5.05
C MET A 233 9.61 14.71 -4.06
N LEU A 234 8.94 14.22 -3.03
CA LEU A 234 8.52 15.07 -1.94
C LEU A 234 9.72 15.65 -1.23
N LYS A 235 10.76 14.84 -1.09
CA LYS A 235 11.99 15.27 -0.41
C LYS A 235 12.77 16.24 -1.30
N SER A 236 12.30 16.41 -2.53
CA SER A 236 12.96 17.31 -3.48
C SER A 236 12.13 18.56 -3.72
N LYS A 237 11.11 18.76 -2.88
CA LYS A 237 10.23 19.92 -3.01
C LYS A 237 10.06 20.63 -1.67
N LEU A 238 11.12 21.33 -1.24
CA LEU A 238 11.09 22.05 0.03
C LEU A 238 10.16 23.26 -0.06
#